data_7C3G
#
_entry.id   7C3G
#
_cell.length_a   84.340
_cell.length_b   140.259
_cell.length_c   59.758
_cell.angle_alpha   90.000
_cell.angle_beta   90.000
_cell.angle_gamma   90.000
#
_symmetry.space_group_name_H-M   'P 21 21 2'
#
loop_
_entity.id
_entity.type
_entity.pdbx_description
1 polymer 'Activin receptor type-1'
2 non-polymer ~{N}-[4-(4-methylpiperazin-1-yl)phenyl]-4-(2-pyridin-3-yl-6,7-dihydro-4~{H}-pyrazolo[5,1-c][1,4]oxazin-3-yl)pyrimidin-2-amine
3 non-polymer 'SULFATE ION'
4 non-polymer 1,2-ETHANEDIOL
5 water water
#
_entity_poly.entity_id   1
_entity_poly.type   'polypeptide(L)'
_entity_poly.pdbx_seq_one_letter_code
;SMQRTVAHQITLLECVGKGRYGEVWRGSWQGENVAVKIFSSRDEKSWFRETELYNTVMLRHENILGFIASDMTSRHSSTQ
LWLITHYHEMGSLYDYLQLTTLDTVSCLRIVLSIASGLAHLHIEIFGTQGKPAIAHRDLKSKNILVKKNGQCCIADLGLA
VMHSQSTNQLDVGNNPRVGTKRYMAPEVLDETIQVDCFDSYKRVDIWAFGLVLWEVARRMVSNGIVEDYKPPFYDVVPND
PSFEDMRKVVCVDQQRPNIPNRWFSDPTLTSLAKLMKECWYQNPSARLTALRIKKTLTKID
;
_entity_poly.pdbx_strand_id   A,B
#
# COMPACT_ATOMS: atom_id res chain seq x y z
N THR A 5 -8.11 26.76 -25.50
CA THR A 5 -8.46 25.79 -24.37
C THR A 5 -9.97 25.54 -24.36
N VAL A 6 -10.38 24.63 -23.48
CA VAL A 6 -11.81 24.29 -23.26
C VAL A 6 -12.50 25.54 -22.75
N ALA A 7 -11.82 26.38 -21.95
CA ALA A 7 -12.44 27.62 -21.41
C ALA A 7 -12.81 28.60 -22.55
N HIS A 8 -11.96 28.74 -23.57
CA HIS A 8 -12.17 29.61 -24.76
C HIS A 8 -13.33 29.06 -25.64
N GLN A 9 -13.67 27.75 -25.54
CA GLN A 9 -14.82 27.11 -26.28
C GLN A 9 -15.99 26.92 -25.31
N ILE A 10 -15.96 27.61 -24.18
CA ILE A 10 -16.96 27.47 -23.07
C ILE A 10 -17.55 28.83 -22.78
N THR A 11 -18.87 28.86 -22.62
CA THR A 11 -19.74 30.02 -22.29
C THR A 11 -20.34 29.68 -20.90
N LEU A 12 -20.18 30.56 -19.90
CA LEU A 12 -21.05 30.41 -18.68
C LEU A 12 -22.52 30.72 -18.99
N LEU A 13 -23.41 29.82 -18.59
CA LEU A 13 -24.86 30.03 -18.77
C LEU A 13 -25.54 30.46 -17.47
N GLU A 14 -25.34 29.77 -16.38
CA GLU A 14 -26.08 30.13 -15.15
C GLU A 14 -25.31 29.72 -13.89
N CYS A 15 -25.37 30.55 -12.87
CA CYS A 15 -24.73 30.27 -11.58
C CYS A 15 -25.61 29.33 -10.79
N VAL A 16 -25.14 28.14 -10.47
CA VAL A 16 -25.92 27.13 -9.71
C VAL A 16 -25.48 27.10 -8.24
N GLY A 17 -24.48 27.90 -7.86
CA GLY A 17 -24.16 28.05 -6.44
C GLY A 17 -23.01 29.01 -6.21
N LYS A 18 -23.04 29.65 -5.06
CA LYS A 18 -21.89 30.46 -4.61
C LYS A 18 -21.69 30.13 -3.12
N GLY A 19 -20.46 30.09 -2.66
CA GLY A 19 -20.17 30.00 -1.23
C GLY A 19 -18.67 30.06 -0.98
N ARG A 20 -18.23 29.42 0.08
CA ARG A 20 -16.81 29.43 0.51
C ARG A 20 -15.90 28.82 -0.58
N TYR A 21 -16.40 27.89 -1.41
CA TYR A 21 -15.62 27.22 -2.47
C TYR A 21 -15.40 28.16 -3.66
N GLY A 22 -16.05 29.32 -3.71
CA GLY A 22 -16.16 30.16 -4.91
C GLY A 22 -17.54 30.10 -5.55
N GLU A 23 -17.63 29.78 -6.85
CA GLU A 23 -18.90 29.73 -7.60
C GLU A 23 -18.90 28.49 -8.50
N VAL A 24 -20.07 27.91 -8.72
CA VAL A 24 -20.22 26.84 -9.71
C VAL A 24 -21.32 27.27 -10.67
N TRP A 25 -20.98 27.15 -11.95
CA TRP A 25 -21.84 27.55 -13.08
C TRP A 25 -22.11 26.30 -13.87
N ARG A 26 -23.31 26.20 -14.42
CA ARG A 26 -23.59 25.41 -15.63
C ARG A 26 -23.01 26.19 -16.80
N GLY A 27 -22.12 25.55 -17.54
CA GLY A 27 -21.49 26.12 -18.73
C GLY A 27 -21.81 25.28 -19.94
N SER A 28 -21.60 25.85 -21.11
CA SER A 28 -21.73 25.20 -22.42
C SER A 28 -20.33 25.06 -23.02
N TRP A 29 -19.92 23.81 -23.22
CA TRP A 29 -18.66 23.45 -23.91
C TRP A 29 -19.01 22.97 -25.29
N GLN A 30 -18.99 23.88 -26.24
CA GLN A 30 -19.41 23.61 -27.64
C GLN A 30 -20.80 22.99 -27.58
N GLY A 31 -21.65 23.51 -26.69
CA GLY A 31 -23.07 23.10 -26.58
C GLY A 31 -23.32 22.11 -25.45
N GLU A 32 -22.32 21.37 -25.02
CA GLU A 32 -22.53 20.29 -24.01
C GLU A 32 -22.49 20.92 -22.62
N ASN A 33 -23.39 20.55 -21.74
CA ASN A 33 -23.34 21.06 -20.34
C ASN A 33 -22.07 20.57 -19.64
N VAL A 34 -21.41 21.47 -18.92
CA VAL A 34 -20.26 21.18 -18.03
C VAL A 34 -20.44 22.01 -16.74
N ALA A 35 -19.84 21.57 -15.67
CA ALA A 35 -19.72 22.35 -14.44
C ALA A 35 -18.45 23.16 -14.56
N VAL A 36 -18.52 24.45 -14.25
CA VAL A 36 -17.31 25.29 -14.12
C VAL A 36 -17.27 25.82 -12.69
N LYS A 37 -16.25 25.42 -11.95
CA LYS A 37 -15.98 26.02 -10.65
C LYS A 37 -15.01 27.17 -10.88
N ILE A 38 -15.42 28.35 -10.45
CA ILE A 38 -14.55 29.56 -10.43
C ILE A 38 -14.04 29.75 -9.00
N PHE A 39 -12.74 29.57 -8.82
CA PHE A 39 -12.08 29.70 -7.52
C PHE A 39 -12.12 31.15 -7.05
N SER A 40 -12.26 31.32 -5.75
CA SER A 40 -11.95 32.60 -5.05
C SER A 40 -10.51 33.05 -5.37
N SER A 41 -10.25 34.36 -5.53
CA SER A 41 -8.88 34.89 -5.77
C SER A 41 -7.96 34.53 -4.61
N ARG A 42 -8.52 34.35 -3.41
CA ARG A 42 -7.76 33.92 -2.22
C ARG A 42 -7.39 32.42 -2.29
N ASP A 43 -7.87 31.61 -3.27
CA ASP A 43 -7.77 30.14 -3.20
C ASP A 43 -7.02 29.54 -4.41
N GLU A 44 -6.11 30.30 -5.00
CA GLU A 44 -5.25 29.87 -6.12
C GLU A 44 -4.61 28.51 -5.80
N LYS A 45 -4.13 28.29 -4.59
CA LYS A 45 -3.45 27.03 -4.19
C LYS A 45 -4.36 25.81 -4.37
N SER A 46 -5.65 25.96 -4.10
CA SER A 46 -6.60 24.83 -4.24
C SER A 46 -6.74 24.50 -5.72
N TRP A 47 -6.87 25.53 -6.56
CA TRP A 47 -7.00 25.36 -8.04
C TRP A 47 -5.72 24.65 -8.50
N PHE A 48 -4.54 25.13 -8.07
CA PHE A 48 -3.25 24.60 -8.55
C PHE A 48 -3.12 23.11 -8.17
N ARG A 49 -3.40 22.80 -6.91
CA ARG A 49 -3.38 21.42 -6.36
C ARG A 49 -4.39 20.51 -7.09
N GLU A 50 -5.63 20.94 -7.30
CA GLU A 50 -6.60 20.05 -8.01
C GLU A 50 -6.12 19.85 -9.45
N THR A 51 -5.70 20.93 -10.09
CA THR A 51 -5.22 20.86 -11.50
C THR A 51 -4.04 19.89 -11.55
N GLU A 52 -3.11 20.04 -10.63
CA GLU A 52 -1.94 19.15 -10.52
C GLU A 52 -2.41 17.70 -10.43
N LEU A 53 -3.34 17.37 -9.53
CA LEU A 53 -3.78 15.97 -9.28
C LEU A 53 -4.45 15.40 -10.52
N TYR A 54 -5.44 16.13 -11.04
CA TYR A 54 -6.21 15.66 -12.22
C TYR A 54 -5.27 15.49 -13.43
N ASN A 55 -4.28 16.35 -13.60
CA ASN A 55 -3.43 16.30 -14.82
C ASN A 55 -2.31 15.28 -14.69
N THR A 56 -1.81 15.03 -13.49
CA THR A 56 -0.58 14.22 -13.33
C THR A 56 -0.93 12.78 -12.93
N VAL A 57 -2.10 12.52 -12.41
CA VAL A 57 -2.47 11.15 -11.92
C VAL A 57 -3.55 10.61 -12.85
N MET A 58 -3.68 9.28 -12.97
CA MET A 58 -4.84 8.63 -13.66
C MET A 58 -6.03 8.67 -12.67
N LEU A 59 -6.66 9.84 -12.53
CA LEU A 59 -7.73 9.99 -11.51
C LEU A 59 -9.00 9.98 -12.30
N ARG A 60 -9.56 8.79 -12.46
CA ARG A 60 -10.72 8.54 -13.35
C ARG A 60 -11.46 7.33 -12.78
N HIS A 61 -12.70 7.55 -12.31
CA HIS A 61 -13.48 6.54 -11.57
C HIS A 61 -14.94 6.99 -11.52
N GLU A 62 -15.86 6.02 -11.51
CA GLU A 62 -17.32 6.22 -11.45
C GLU A 62 -17.65 7.17 -10.27
N ASN A 63 -16.90 7.09 -9.18
CA ASN A 63 -17.25 7.77 -7.91
C ASN A 63 -16.26 8.89 -7.58
N ILE A 64 -15.58 9.42 -8.57
CA ILE A 64 -14.78 10.67 -8.44
C ILE A 64 -15.23 11.59 -9.57
N LEU A 65 -15.41 12.86 -9.24
CA LEU A 65 -15.89 13.86 -10.22
C LEU A 65 -14.96 13.84 -11.44
N GLY A 66 -15.57 13.69 -12.60
CA GLY A 66 -14.87 13.62 -13.89
C GLY A 66 -14.28 14.96 -14.34
N PHE A 67 -12.97 15.01 -14.47
CA PHE A 67 -12.21 16.20 -14.89
C PHE A 67 -12.31 16.35 -16.41
N ILE A 68 -12.50 17.58 -16.87
CA ILE A 68 -12.39 17.88 -18.32
C ILE A 68 -11.17 18.76 -18.57
N ALA A 69 -11.02 19.86 -17.84
CA ALA A 69 -9.95 20.83 -18.15
C ALA A 69 -9.80 21.80 -16.99
N SER A 70 -8.65 22.48 -16.91
CA SER A 70 -8.51 23.65 -16.02
C SER A 70 -8.28 24.85 -16.94
N ASP A 71 -8.61 26.06 -16.51
CA ASP A 71 -8.35 27.21 -17.39
C ASP A 71 -8.20 28.47 -16.56
N MET A 72 -7.45 29.42 -17.14
CA MET A 72 -7.26 30.80 -16.69
C MET A 72 -7.94 31.66 -17.76
N THR A 73 -8.69 32.68 -17.37
CA THR A 73 -9.46 33.54 -18.30
C THR A 73 -9.63 34.89 -17.60
N SER A 74 -9.89 35.97 -18.37
CA SER A 74 -10.09 37.38 -17.90
C SER A 74 -11.61 37.59 -17.69
N ARG A 75 -12.06 38.41 -16.72
CA ARG A 75 -13.51 38.64 -16.44
C ARG A 75 -13.67 39.72 -15.36
N SER A 78 -10.13 40.95 -13.91
CA SER A 78 -9.05 40.18 -13.25
C SER A 78 -8.91 38.77 -13.88
N THR A 79 -7.91 38.00 -13.45
CA THR A 79 -7.80 36.57 -13.84
C THR A 79 -8.80 35.78 -13.01
N GLN A 80 -9.48 34.87 -13.66
CA GLN A 80 -10.26 33.80 -12.96
C GLN A 80 -9.62 32.45 -13.24
N LEU A 81 -9.56 31.60 -12.21
CA LEU A 81 -9.10 30.20 -12.37
C LEU A 81 -10.33 29.30 -12.41
N TRP A 82 -10.48 28.54 -13.49
CA TRP A 82 -11.62 27.64 -13.73
C TRP A 82 -11.17 26.20 -13.64
N LEU A 83 -12.04 25.35 -13.11
CA LEU A 83 -11.93 23.88 -13.13
C LEU A 83 -13.23 23.38 -13.76
N ILE A 84 -13.10 22.73 -14.90
CA ILE A 84 -14.21 22.27 -15.77
C ILE A 84 -14.37 20.77 -15.61
N THR A 85 -15.59 20.34 -15.29
CA THR A 85 -15.89 18.92 -15.04
C THR A 85 -17.21 18.50 -15.67
N HIS A 86 -17.45 17.21 -15.64
CA HIS A 86 -18.81 16.69 -15.84
C HIS A 86 -19.81 17.55 -15.04
N TYR A 87 -20.97 17.82 -15.61
CA TYR A 87 -22.12 18.48 -14.94
C TYR A 87 -23.08 17.41 -14.39
N HIS A 88 -23.32 17.44 -13.10
CA HIS A 88 -24.28 16.55 -12.45
C HIS A 88 -25.51 17.38 -12.09
N GLU A 89 -26.60 17.23 -12.83
CA GLU A 89 -27.75 18.14 -12.69
C GLU A 89 -28.40 17.98 -11.34
N MET A 90 -28.21 16.88 -10.62
CA MET A 90 -28.84 16.72 -9.28
CA MET A 90 -28.84 16.72 -9.28
C MET A 90 -28.06 17.55 -8.24
N GLY A 91 -26.84 17.96 -8.50
CA GLY A 91 -26.12 18.78 -7.50
C GLY A 91 -25.55 18.00 -6.34
N SER A 92 -25.32 18.65 -5.22
CA SER A 92 -24.54 18.06 -4.10
C SER A 92 -25.45 17.15 -3.28
N LEU A 93 -24.83 16.21 -2.58
CA LEU A 93 -25.52 15.33 -1.61
C LEU A 93 -26.20 16.19 -0.55
N TYR A 94 -25.55 17.23 -0.06
CA TYR A 94 -26.16 18.15 0.93
C TYR A 94 -27.54 18.62 0.43
N ASP A 95 -27.60 19.13 -0.79
CA ASP A 95 -28.84 19.69 -1.40
C ASP A 95 -29.85 18.56 -1.58
N TYR A 96 -29.39 17.42 -2.07
CA TYR A 96 -30.23 16.26 -2.38
C TYR A 96 -30.91 15.75 -1.10
N LEU A 97 -30.15 15.65 0.00
CA LEU A 97 -30.73 15.19 1.29
C LEU A 97 -31.80 16.15 1.85
N GLN A 98 -31.81 17.39 1.40
CA GLN A 98 -32.91 18.31 1.75
C GLN A 98 -34.09 18.12 0.80
N LEU A 99 -33.87 17.71 -0.46
CA LEU A 99 -34.91 17.57 -1.51
C LEU A 99 -35.81 16.35 -1.19
N THR A 100 -35.27 15.29 -0.57
CA THR A 100 -35.92 13.96 -0.57
C THR A 100 -35.52 13.11 0.63
N THR A 101 -36.39 12.16 0.96
CA THR A 101 -36.08 11.02 1.85
C THR A 101 -35.64 9.84 0.97
N LEU A 102 -35.08 8.82 1.59
CA LEU A 102 -34.45 7.70 0.86
C LEU A 102 -35.13 6.40 1.27
N ASP A 103 -35.15 5.41 0.40
CA ASP A 103 -35.53 4.03 0.76
C ASP A 103 -34.21 3.29 1.07
N THR A 104 -34.29 2.03 1.46
CA THR A 104 -33.12 1.18 1.79
C THR A 104 -32.15 1.10 0.60
N VAL A 105 -32.63 0.89 -0.62
CA VAL A 105 -31.75 0.65 -1.80
C VAL A 105 -31.01 1.95 -2.11
N SER A 106 -31.72 3.09 -2.03
CA SER A 106 -31.19 4.43 -2.36
C SER A 106 -30.15 4.88 -1.33
N CYS A 107 -30.41 4.66 -0.05
CA CYS A 107 -29.49 4.97 1.06
C CYS A 107 -28.16 4.20 0.85
N LEU A 108 -28.26 2.87 0.64
CA LEU A 108 -27.09 1.97 0.50
C LEU A 108 -26.32 2.30 -0.76
N ARG A 109 -27.02 2.59 -1.84
CA ARG A 109 -26.35 2.95 -3.11
C ARG A 109 -25.50 4.21 -2.92
N ILE A 110 -26.03 5.20 -2.21
CA ILE A 110 -25.32 6.48 -1.95
C ILE A 110 -24.09 6.18 -1.10
N VAL A 111 -24.25 5.49 0.04
CA VAL A 111 -23.09 5.37 0.98
C VAL A 111 -22.04 4.40 0.42
N LEU A 112 -22.45 3.30 -0.23
CA LEU A 112 -21.51 2.36 -0.90
C LEU A 112 -20.71 3.12 -1.96
N SER A 113 -21.34 3.96 -2.79
CA SER A 113 -20.65 4.65 -3.89
C SER A 113 -19.58 5.60 -3.31
N ILE A 114 -19.88 6.24 -2.17
CA ILE A 114 -18.93 7.19 -1.50
C ILE A 114 -17.75 6.36 -0.97
N ALA A 115 -18.05 5.26 -0.30
CA ALA A 115 -17.04 4.31 0.18
C ALA A 115 -16.18 3.82 -0.99
N SER A 116 -16.76 3.60 -2.15
CA SER A 116 -15.98 3.06 -3.28
C SER A 116 -15.03 4.13 -3.83
N GLY A 117 -15.53 5.35 -4.01
CA GLY A 117 -14.66 6.46 -4.38
C GLY A 117 -13.55 6.66 -3.38
N LEU A 118 -13.86 6.66 -2.10
CA LEU A 118 -12.87 6.96 -1.06
C LEU A 118 -11.81 5.82 -0.99
N ALA A 119 -12.24 4.57 -1.14
CA ALA A 119 -11.25 3.47 -1.15
C ALA A 119 -10.41 3.57 -2.42
N HIS A 120 -10.95 4.00 -3.55
CA HIS A 120 -10.19 4.23 -4.81
C HIS A 120 -9.15 5.34 -4.62
N LEU A 121 -9.49 6.41 -3.94
CA LEU A 121 -8.50 7.48 -3.62
C LEU A 121 -7.41 6.89 -2.70
N HIS A 122 -7.79 6.18 -1.64
CA HIS A 122 -6.87 5.73 -0.56
C HIS A 122 -5.87 4.65 -1.04
N ILE A 123 -6.19 3.83 -2.02
CA ILE A 123 -5.35 2.68 -2.42
C ILE A 123 -4.37 3.12 -3.52
N GLU A 124 -3.08 2.83 -3.34
CA GLU A 124 -2.10 2.90 -4.43
C GLU A 124 -2.33 1.74 -5.40
N ILE A 125 -2.34 2.08 -6.69
CA ILE A 125 -2.35 1.16 -7.88
C ILE A 125 -1.01 1.30 -8.64
N PHE A 126 -0.34 0.19 -8.91
CA PHE A 126 1.03 0.16 -9.54
C PHE A 126 0.96 0.09 -11.07
N GLY A 127 -0.09 -0.55 -11.61
CA GLY A 127 -0.67 -0.33 -12.96
C GLY A 127 0.36 -0.25 -14.08
N GLN A 129 -1.43 2.79 -15.97
CA GLN A 129 -2.67 2.40 -15.24
C GLN A 129 -2.78 3.24 -13.96
N GLY A 130 -1.76 3.14 -13.07
CA GLY A 130 -1.81 3.32 -11.60
C GLY A 130 -1.85 4.77 -11.09
N LYS A 131 -1.74 4.93 -9.77
CA LYS A 131 -1.96 6.21 -9.07
C LYS A 131 -1.35 6.03 -7.69
N PRO A 132 -0.84 7.14 -7.11
CA PRO A 132 -0.43 7.13 -5.72
C PRO A 132 -1.66 6.97 -4.86
N ALA A 133 -1.45 6.69 -3.57
CA ALA A 133 -2.50 6.75 -2.55
C ALA A 133 -2.81 8.24 -2.39
N ILE A 134 -4.07 8.56 -2.17
CA ILE A 134 -4.50 9.98 -2.01
C ILE A 134 -5.46 10.04 -0.82
N ALA A 135 -5.20 10.92 0.14
CA ALA A 135 -6.18 11.35 1.16
C ALA A 135 -6.81 12.69 0.74
N HIS A 136 -8.11 12.82 0.95
CA HIS A 136 -8.93 13.96 0.47
C HIS A 136 -8.73 15.19 1.38
N ARG A 137 -8.96 15.03 2.68
CA ARG A 137 -8.74 16.01 3.77
C ARG A 137 -9.87 17.05 3.91
N ASP A 138 -10.89 17.03 3.07
CA ASP A 138 -12.06 17.93 3.30
C ASP A 138 -13.38 17.27 2.85
N LEU A 139 -13.60 16.01 3.18
CA LEU A 139 -14.82 15.29 2.73
C LEU A 139 -16.02 15.82 3.53
N LYS A 140 -17.13 16.03 2.86
CA LYS A 140 -18.40 16.46 3.46
C LYS A 140 -19.52 16.29 2.41
N SER A 141 -20.76 16.48 2.82
CA SER A 141 -21.95 16.27 1.97
C SER A 141 -21.99 17.37 0.92
N LYS A 142 -21.37 18.54 1.17
CA LYS A 142 -21.37 19.62 0.14
C LYS A 142 -20.33 19.45 -0.96
N ASN A 143 -19.39 18.51 -0.94
CA ASN A 143 -18.45 18.33 -2.09
C ASN A 143 -18.54 16.88 -2.56
N ILE A 144 -19.74 16.29 -2.41
CA ILE A 144 -20.12 15.01 -3.04
C ILE A 144 -21.32 15.30 -3.93
N LEU A 145 -21.25 14.88 -5.19
CA LEU A 145 -22.33 15.05 -6.18
C LEU A 145 -23.15 13.78 -6.30
N VAL A 146 -24.43 13.98 -6.57
CA VAL A 146 -25.40 12.89 -6.86
C VAL A 146 -25.56 12.76 -8.37
N LYS A 147 -25.36 11.55 -8.87
CA LYS A 147 -25.47 11.20 -10.29
C LYS A 147 -26.86 10.65 -10.58
N LYS A 148 -27.27 10.71 -11.83
CA LYS A 148 -28.62 10.30 -12.29
C LYS A 148 -28.88 8.84 -11.89
N ASN A 149 -27.87 7.98 -11.81
CA ASN A 149 -28.09 6.56 -11.45
C ASN A 149 -28.23 6.38 -9.92
N GLY A 150 -28.17 7.43 -9.13
CA GLY A 150 -28.29 7.30 -7.65
C GLY A 150 -26.98 7.00 -6.96
N GLN A 151 -25.90 6.80 -7.69
CA GLN A 151 -24.53 6.79 -7.09
C GLN A 151 -24.03 8.22 -6.96
N CYS A 152 -22.99 8.40 -6.13
CA CYS A 152 -22.38 9.70 -5.89
C CYS A 152 -20.98 9.75 -6.46
N CYS A 153 -20.40 10.94 -6.49
CA CYS A 153 -18.97 11.07 -6.82
C CYS A 153 -18.37 12.18 -5.96
N ILE A 154 -17.13 11.97 -5.60
CA ILE A 154 -16.36 12.86 -4.68
C ILE A 154 -15.69 13.94 -5.54
N ALA A 155 -15.81 15.18 -5.10
CA ALA A 155 -15.21 16.37 -5.74
C ALA A 155 -14.24 17.06 -4.74
N ASP A 156 -13.58 18.10 -5.21
CA ASP A 156 -12.91 19.12 -4.35
C ASP A 156 -11.62 18.47 -3.79
N LEU A 157 -10.64 18.22 -4.66
CA LEU A 157 -9.35 17.57 -4.26
C LEU A 157 -8.25 18.61 -3.91
N GLY A 158 -8.62 19.88 -3.66
CA GLY A 158 -7.62 20.95 -3.50
C GLY A 158 -6.79 20.81 -2.22
N LEU A 159 -7.23 19.97 -1.27
CA LEU A 159 -6.43 19.74 -0.03
C LEU A 159 -5.78 18.37 -0.05
N ALA A 160 -5.83 17.68 -1.17
CA ALA A 160 -5.42 16.26 -1.21
C ALA A 160 -3.90 16.16 -0.92
N VAL A 161 -3.55 15.06 -0.26
CA VAL A 161 -2.16 14.65 0.05
C VAL A 161 -1.94 13.31 -0.63
N MET A 162 -0.75 13.08 -1.16
CA MET A 162 -0.42 11.89 -2.00
CA MET A 162 -0.47 11.85 -1.92
C MET A 162 0.74 11.12 -1.33
N HIS A 163 0.71 9.79 -1.40
CA HIS A 163 1.83 8.93 -0.92
C HIS A 163 2.15 7.92 -2.01
N SER A 164 3.43 7.66 -2.27
CA SER A 164 3.90 6.61 -3.20
C SER A 164 4.84 5.64 -2.46
N GLN A 165 4.55 4.35 -2.54
CA GLN A 165 5.34 3.30 -1.84
C GLN A 165 6.69 3.17 -2.56
N SER A 166 6.73 3.35 -3.89
CA SER A 166 8.00 3.24 -4.66
C SER A 166 9.03 4.21 -4.09
N THR A 167 8.68 5.50 -3.94
CA THR A 167 9.62 6.53 -3.41
C THR A 167 9.49 6.66 -1.89
N ASN A 168 8.46 6.10 -1.28
CA ASN A 168 8.06 6.30 0.14
C ASN A 168 8.00 7.79 0.53
N GLN A 169 7.62 8.69 -0.39
CA GLN A 169 7.51 10.15 -0.13
C GLN A 169 6.04 10.58 -0.03
N LEU A 170 5.80 11.44 0.96
CA LEU A 170 4.51 12.07 1.25
C LEU A 170 4.53 13.41 0.53
N ASP A 171 3.56 13.68 -0.31
CA ASP A 171 3.48 14.99 -1.01
C ASP A 171 2.35 15.77 -0.35
N VAL A 172 2.62 16.74 0.56
CA VAL A 172 1.54 17.47 1.31
C VAL A 172 1.15 18.74 0.59
N GLY A 173 1.81 19.09 -0.50
CA GLY A 173 1.53 20.33 -1.21
C GLY A 173 1.87 21.52 -0.33
N ASN A 174 1.18 22.64 -0.53
CA ASN A 174 1.59 23.97 -0.06
C ASN A 174 0.36 24.87 0.05
N ASN A 175 -0.71 24.42 0.68
CA ASN A 175 -2.01 25.13 0.65
C ASN A 175 -2.33 25.57 2.07
N PRO A 176 -2.53 26.88 2.30
CA PRO A 176 -2.90 27.36 3.63
C PRO A 176 -4.34 27.01 4.05
N ARG A 177 -5.22 26.62 3.12
CA ARG A 177 -6.60 26.11 3.41
C ARG A 177 -6.56 25.00 4.45
N VAL A 178 -7.50 25.00 5.38
CA VAL A 178 -7.71 23.82 6.29
C VAL A 178 -9.12 23.29 6.01
N GLY A 179 -9.41 22.10 6.53
CA GLY A 179 -10.72 21.42 6.36
C GLY A 179 -11.87 22.29 6.87
N THR A 180 -13.08 21.97 6.43
CA THR A 180 -14.34 22.48 7.00
C THR A 180 -14.35 22.16 8.50
N LYS A 181 -14.47 23.18 9.34
CA LYS A 181 -14.31 23.04 10.82
C LYS A 181 -15.30 22.01 11.39
N ARG A 182 -16.52 21.98 10.89
CA ARG A 182 -17.58 21.09 11.45
C ARG A 182 -17.18 19.61 11.30
N TYR A 183 -16.41 19.29 10.26
CA TYR A 183 -16.06 17.90 9.92
C TYR A 183 -14.65 17.53 10.43
N MET A 184 -14.00 18.43 11.18
CA MET A 184 -12.58 18.19 11.59
C MET A 184 -12.51 17.07 12.63
N ALA A 185 -11.65 16.06 12.40
CA ALA A 185 -11.33 14.98 13.35
C ALA A 185 -10.71 15.57 14.63
N PRO A 186 -10.86 14.94 15.81
CA PRO A 186 -10.30 15.50 17.05
C PRO A 186 -8.81 15.84 17.00
N GLU A 187 -8.01 14.96 16.39
CA GLU A 187 -6.52 15.11 16.21
C GLU A 187 -6.20 16.34 15.35
N VAL A 188 -7.10 16.76 14.47
CA VAL A 188 -6.90 18.00 13.66
C VAL A 188 -7.16 19.18 14.59
N LEU A 189 -8.20 19.08 15.42
CA LEU A 189 -8.70 20.25 16.18
C LEU A 189 -7.73 20.56 17.34
N ASP A 190 -7.16 19.54 17.97
CA ASP A 190 -6.21 19.70 19.11
C ASP A 190 -4.75 19.66 18.61
N GLU A 191 -4.54 19.72 17.29
CA GLU A 191 -3.24 19.81 16.57
C GLU A 191 -2.30 18.67 16.98
N THR A 192 -2.82 17.49 17.30
CA THR A 192 -2.03 16.26 17.65
C THR A 192 -1.77 15.36 16.44
N ILE A 193 -2.43 15.58 15.29
CA ILE A 193 -2.22 14.78 14.06
C ILE A 193 -0.73 14.68 13.70
N GLN A 194 -0.30 13.46 13.37
CA GLN A 194 1.09 13.16 12.97
C GLN A 194 1.26 13.52 11.49
N VAL A 195 1.76 14.72 11.20
CA VAL A 195 1.65 15.35 9.86
C VAL A 195 2.58 14.66 8.86
N ASP A 196 3.51 13.82 9.32
CA ASP A 196 4.53 13.18 8.44
C ASP A 196 4.16 11.73 8.18
N CYS A 197 2.98 11.28 8.58
CA CYS A 197 2.50 9.89 8.32
C CYS A 197 1.24 9.93 7.44
N PHE A 198 1.30 9.35 6.24
CA PHE A 198 0.17 9.37 5.27
C PHE A 198 -1.12 8.85 5.93
N ASP A 199 -1.01 7.78 6.73
CA ASP A 199 -2.14 7.11 7.41
C ASP A 199 -2.93 8.08 8.28
N SER A 200 -2.29 9.06 8.93
CA SER A 200 -2.98 10.15 9.65
C SER A 200 -4.08 10.77 8.77
N TYR A 201 -3.79 11.01 7.48
CA TYR A 201 -4.69 11.80 6.61
C TYR A 201 -5.83 10.89 6.24
N LYS A 202 -5.56 9.62 5.97
CA LYS A 202 -6.66 8.70 5.60
C LYS A 202 -7.61 8.64 6.80
N ARG A 203 -7.08 8.59 8.01
CA ARG A 203 -7.91 8.44 9.23
C ARG A 203 -8.81 9.67 9.40
N VAL A 204 -8.34 10.84 8.99
CA VAL A 204 -9.13 12.10 9.04
C VAL A 204 -10.31 11.94 8.03
N ASP A 205 -10.07 11.38 6.85
CA ASP A 205 -11.16 11.14 5.87
C ASP A 205 -12.21 10.20 6.52
N ILE A 206 -11.79 9.14 7.23
CA ILE A 206 -12.74 8.17 7.86
C ILE A 206 -13.63 8.88 8.88
N TRP A 207 -13.06 9.75 9.72
CA TRP A 207 -13.91 10.53 10.63
C TRP A 207 -14.98 11.27 9.83
N ALA A 208 -14.58 11.98 8.76
CA ALA A 208 -15.50 12.83 7.95
C ALA A 208 -16.55 11.92 7.32
N PHE A 209 -16.10 10.80 6.77
CA PHE A 209 -17.01 9.85 6.08
C PHE A 209 -18.08 9.38 7.08
N GLY A 210 -17.66 9.02 8.30
CA GLY A 210 -18.60 8.67 9.38
C GLY A 210 -19.71 9.73 9.54
N LEU A 211 -19.34 11.01 9.59
CA LEU A 211 -20.36 12.09 9.76
C LEU A 211 -21.30 12.09 8.54
N VAL A 212 -20.75 11.92 7.35
CA VAL A 212 -21.57 11.88 6.09
C VAL A 212 -22.54 10.68 6.15
N LEU A 213 -22.07 9.50 6.56
CA LEU A 213 -22.96 8.32 6.74
C LEU A 213 -24.14 8.65 7.67
N TRP A 214 -23.87 9.34 8.76
CA TRP A 214 -24.89 9.82 9.72
C TRP A 214 -25.87 10.73 9.01
N GLU A 215 -25.38 11.70 8.24
CA GLU A 215 -26.23 12.70 7.52
C GLU A 215 -27.21 12.00 6.59
N VAL A 216 -26.69 10.98 5.88
CA VAL A 216 -27.47 10.20 4.88
C VAL A 216 -28.50 9.31 5.59
N ALA A 217 -28.06 8.61 6.62
CA ALA A 217 -28.87 7.56 7.27
C ALA A 217 -30.13 8.18 7.92
N ARG A 218 -29.98 9.41 8.44
CA ARG A 218 -31.13 10.14 9.04
C ARG A 218 -32.27 10.27 8.04
N ARG A 219 -31.94 10.36 6.75
CA ARG A 219 -32.92 10.59 5.68
C ARG A 219 -33.50 9.28 5.13
N MET A 220 -33.05 8.10 5.58
CA MET A 220 -33.63 6.82 5.11
C MET A 220 -34.86 6.50 5.96
N VAL A 221 -36.00 6.31 5.31
CA VAL A 221 -37.28 6.00 6.02
C VAL A 221 -37.25 4.58 6.56
N SER A 222 -37.73 4.39 7.78
CA SER A 222 -37.93 3.03 8.33
C SER A 222 -39.19 3.05 9.18
N ASN A 223 -40.05 2.04 8.94
CA ASN A 223 -41.24 1.81 9.81
C ASN A 223 -42.03 3.11 9.95
N GLY A 224 -42.18 3.87 8.87
CA GLY A 224 -42.92 5.15 8.81
C GLY A 224 -42.24 6.36 9.41
N ILE A 225 -41.00 6.26 9.90
CA ILE A 225 -40.29 7.38 10.61
C ILE A 225 -39.03 7.77 9.80
N VAL A 226 -38.72 9.06 9.75
CA VAL A 226 -37.50 9.62 9.13
C VAL A 226 -37.14 10.88 9.92
N GLU A 227 -35.84 11.20 10.02
CA GLU A 227 -35.38 12.46 10.62
C GLU A 227 -35.32 13.55 9.57
N ASP A 228 -35.49 14.79 10.02
CA ASP A 228 -35.18 15.97 9.15
C ASP A 228 -33.67 15.99 8.84
N TYR A 229 -33.32 16.53 7.70
CA TYR A 229 -31.89 16.80 7.39
C TYR A 229 -31.32 17.72 8.47
N LYS A 230 -30.22 17.32 9.11
CA LYS A 230 -29.37 18.22 9.93
C LYS A 230 -27.90 17.95 9.59
N PRO A 231 -27.02 18.96 9.71
CA PRO A 231 -25.58 18.76 9.59
C PRO A 231 -25.07 18.14 10.90
N PRO A 232 -23.90 17.46 10.87
CA PRO A 232 -23.28 16.93 12.09
C PRO A 232 -23.11 18.05 13.12
N PHE A 233 -23.46 17.76 14.39
CA PHE A 233 -23.28 18.63 15.58
C PHE A 233 -24.23 19.85 15.54
N TYR A 234 -25.34 19.74 14.82
CA TYR A 234 -26.31 20.84 14.63
C TYR A 234 -26.78 21.29 16.01
N ASP A 235 -26.80 20.39 16.99
CA ASP A 235 -27.45 20.61 18.29
C ASP A 235 -26.47 21.30 19.25
N VAL A 236 -25.16 21.37 18.95
CA VAL A 236 -24.15 21.79 19.96
C VAL A 236 -23.20 22.89 19.46
N VAL A 237 -23.20 23.23 18.19
CA VAL A 237 -22.35 24.33 17.64
C VAL A 237 -23.25 25.19 16.79
N PRO A 238 -22.92 26.48 16.63
CA PRO A 238 -23.65 27.36 15.72
C PRO A 238 -23.26 27.17 14.24
N ASN A 239 -24.02 27.81 13.34
CA ASN A 239 -23.66 27.93 11.91
C ASN A 239 -22.26 28.53 11.85
N ASP A 240 -21.45 28.07 10.90
CA ASP A 240 -20.04 28.53 10.72
C ASP A 240 -19.32 28.42 12.06
N PRO A 241 -19.30 27.24 12.70
CA PRO A 241 -18.70 27.13 14.02
C PRO A 241 -17.21 27.47 13.94
N SER A 242 -16.67 28.06 15.02
CA SER A 242 -15.24 28.40 15.18
C SER A 242 -14.46 27.12 15.46
N PHE A 243 -13.15 27.20 15.24
CA PHE A 243 -12.20 26.11 15.58
C PHE A 243 -12.37 25.77 17.08
N GLU A 244 -12.65 26.77 17.92
CA GLU A 244 -12.74 26.55 19.38
C GLU A 244 -14.09 25.94 19.72
N ASP A 245 -15.20 26.43 19.11
CA ASP A 245 -16.55 25.80 19.22
C ASP A 245 -16.40 24.27 19.05
N MET A 246 -15.71 23.83 17.98
CA MET A 246 -15.58 22.41 17.56
C MET A 246 -14.69 21.66 18.56
N ARG A 247 -13.64 22.32 19.02
CA ARG A 247 -12.59 21.73 19.86
C ARG A 247 -13.22 21.33 21.18
N LYS A 248 -14.07 22.20 21.70
CA LYS A 248 -14.78 21.96 22.98
C LYS A 248 -15.71 20.76 22.78
N VAL A 249 -16.43 20.69 21.64
CA VAL A 249 -17.45 19.62 21.48
C VAL A 249 -16.76 18.27 21.34
N VAL A 250 -15.74 18.18 20.49
CA VAL A 250 -15.16 16.90 19.97
C VAL A 250 -13.97 16.46 20.82
N CYS A 251 -13.12 17.38 21.27
CA CYS A 251 -11.88 17.08 22.03
C CYS A 251 -12.15 17.13 23.56
N VAL A 252 -12.85 18.14 24.06
CA VAL A 252 -13.01 18.34 25.53
C VAL A 252 -14.19 17.48 25.97
N ASP A 253 -15.38 17.72 25.41
CA ASP A 253 -16.58 16.95 25.80
C ASP A 253 -16.59 15.56 25.15
N GLN A 254 -15.85 15.32 24.05
CA GLN A 254 -15.74 13.99 23.37
C GLN A 254 -17.11 13.53 22.90
N GLN A 255 -17.91 14.45 22.37
CA GLN A 255 -19.27 14.14 21.87
C GLN A 255 -19.22 13.61 20.44
N ARG A 256 -20.22 12.82 20.12
CA ARG A 256 -20.42 12.18 18.81
C ARG A 256 -21.87 12.41 18.46
N PRO A 257 -22.20 12.50 17.17
CA PRO A 257 -23.60 12.60 16.77
C PRO A 257 -24.46 11.48 17.43
N ASN A 258 -25.69 11.82 17.80
CA ASN A 258 -26.65 10.91 18.47
C ASN A 258 -27.27 9.96 17.44
N ILE A 259 -27.44 8.69 17.81
CA ILE A 259 -28.10 7.67 16.94
C ILE A 259 -29.58 7.71 17.29
N PRO A 260 -30.49 8.12 16.39
CA PRO A 260 -31.90 8.03 16.70
C PRO A 260 -32.35 6.63 17.13
N ASN A 261 -33.20 6.55 18.16
CA ASN A 261 -33.61 5.23 18.71
C ASN A 261 -34.29 4.40 17.62
N ARG A 262 -35.01 5.03 16.71
CA ARG A 262 -35.82 4.31 15.67
C ARG A 262 -34.93 3.50 14.73
N TRP A 263 -33.62 3.78 14.66
CA TRP A 263 -32.70 3.03 13.76
C TRP A 263 -32.62 1.57 14.20
N PHE A 264 -32.77 1.33 15.49
CA PHE A 264 -32.62 -0.02 16.09
C PHE A 264 -33.82 -0.91 15.78
N SER A 265 -34.84 -0.42 15.10
CA SER A 265 -35.98 -1.23 14.59
C SER A 265 -35.79 -1.52 13.08
N ASP A 266 -34.61 -1.24 12.53
CA ASP A 266 -34.31 -1.49 11.09
C ASP A 266 -32.96 -2.15 11.00
N PRO A 267 -32.86 -3.31 10.30
CA PRO A 267 -31.60 -4.03 10.18
C PRO A 267 -30.52 -3.20 9.47
N THR A 268 -30.88 -2.47 8.42
CA THR A 268 -29.93 -1.62 7.66
C THR A 268 -29.40 -0.47 8.53
N LEU A 269 -30.26 0.31 9.16
CA LEU A 269 -29.82 1.41 10.03
C LEU A 269 -29.05 0.91 11.26
N THR A 270 -29.39 -0.26 11.80
CA THR A 270 -28.60 -0.88 12.91
C THR A 270 -27.15 -1.13 12.48
N SER A 271 -26.94 -1.70 11.28
CA SER A 271 -25.58 -1.95 10.77
C SER A 271 -24.89 -0.63 10.47
N LEU A 272 -25.63 0.35 9.95
CA LEU A 272 -24.99 1.66 9.61
C LEU A 272 -24.62 2.39 10.90
N ALA A 273 -25.38 2.25 11.99
CA ALA A 273 -25.04 2.86 13.28
C ALA A 273 -23.73 2.26 13.80
N LYS A 274 -23.58 0.95 13.65
CA LYS A 274 -22.36 0.19 14.06
C LYS A 274 -21.13 0.75 13.30
N LEU A 275 -21.27 0.84 11.98
CA LEU A 275 -20.22 1.34 11.04
C LEU A 275 -19.80 2.76 11.41
N MET A 276 -20.75 3.70 11.51
CA MET A 276 -20.38 5.11 11.74
C MET A 276 -19.73 5.28 13.13
N LYS A 277 -20.04 4.47 14.14
CA LYS A 277 -19.34 4.63 15.44
C LYS A 277 -17.88 4.18 15.33
N GLU A 278 -17.58 3.21 14.50
CA GLU A 278 -16.18 2.76 14.31
C GLU A 278 -15.45 3.69 13.33
N CYS A 279 -16.14 4.68 12.78
CA CYS A 279 -15.47 5.80 12.09
C CYS A 279 -15.05 6.89 13.07
N TRP A 280 -15.63 6.90 14.27
CA TRP A 280 -15.57 8.06 15.21
C TRP A 280 -14.73 7.76 16.44
N TYR A 281 -13.95 6.71 16.47
CA TYR A 281 -13.04 6.48 17.62
C TYR A 281 -12.18 7.74 17.78
N GLN A 282 -12.12 8.23 19.01
CA GLN A 282 -11.22 9.35 19.39
C GLN A 282 -9.79 8.96 19.03
N ASN A 283 -9.42 7.68 19.18
CA ASN A 283 -8.09 7.11 18.82
C ASN A 283 -8.08 6.85 17.32
N PRO A 284 -7.33 7.63 16.50
CA PRO A 284 -7.45 7.52 15.04
C PRO A 284 -7.09 6.13 14.49
N SER A 285 -6.14 5.45 15.15
CA SER A 285 -5.67 4.09 14.83
C SER A 285 -6.78 3.06 14.94
N ALA A 286 -7.79 3.27 15.76
CA ALA A 286 -8.89 2.31 15.97
C ALA A 286 -9.98 2.43 14.89
N ARG A 287 -10.03 3.53 14.11
CA ARG A 287 -11.05 3.69 13.04
C ARG A 287 -10.92 2.59 11.99
N LEU A 288 -12.03 2.23 11.39
CA LEU A 288 -12.05 1.37 10.18
C LEU A 288 -11.37 2.10 9.03
N THR A 289 -10.88 1.32 8.06
CA THR A 289 -10.32 1.77 6.79
C THR A 289 -11.44 1.94 5.75
N ALA A 290 -11.15 2.70 4.70
CA ALA A 290 -12.11 2.91 3.59
C ALA A 290 -12.42 1.54 2.97
N LEU A 291 -11.42 0.66 2.84
CA LEU A 291 -11.70 -0.65 2.19
C LEU A 291 -12.59 -1.52 3.11
N ARG A 292 -12.38 -1.50 4.43
CA ARG A 292 -13.22 -2.33 5.35
C ARG A 292 -14.68 -1.83 5.26
N ILE A 293 -14.85 -0.52 5.21
CA ILE A 293 -16.21 0.11 5.09
C ILE A 293 -16.85 -0.38 3.79
N LYS A 294 -16.09 -0.33 2.69
CA LYS A 294 -16.67 -0.71 1.37
C LYS A 294 -17.20 -2.17 1.46
N LYS A 295 -16.42 -3.04 2.09
CA LYS A 295 -16.71 -4.50 2.14
C LYS A 295 -17.97 -4.68 2.97
N THR A 296 -18.03 -4.06 4.14
CA THR A 296 -19.23 -4.12 5.04
C THR A 296 -20.49 -3.59 4.31
N LEU A 297 -20.39 -2.49 3.57
CA LEU A 297 -21.55 -1.91 2.87
C LEU A 297 -21.98 -2.79 1.70
N THR A 298 -21.06 -3.52 1.09
CA THR A 298 -21.40 -4.40 -0.04
C THR A 298 -22.28 -5.56 0.49
N LYS A 299 -22.04 -6.01 1.71
CA LYS A 299 -22.73 -7.15 2.37
C LYS A 299 -24.08 -6.69 2.92
N ILE A 300 -24.17 -5.51 3.52
CA ILE A 300 -25.44 -4.99 4.14
C ILE A 300 -26.60 -4.98 3.10
N ASP A 301 -27.81 -5.35 3.53
CA ASP A 301 -29.09 -5.38 2.76
C ASP A 301 -30.12 -4.41 3.37
N VAL B 6 -0.29 -37.51 0.49
CA VAL B 6 0.53 -37.08 -0.70
C VAL B 6 1.97 -37.62 -0.55
N ALA B 7 2.52 -37.63 0.68
CA ALA B 7 3.89 -38.10 0.98
C ALA B 7 4.06 -39.50 0.38
N HIS B 8 3.01 -40.31 0.49
CA HIS B 8 2.99 -41.76 0.19
C HIS B 8 2.79 -41.96 -1.32
N GLN B 9 2.57 -40.86 -2.06
CA GLN B 9 2.53 -40.83 -3.55
C GLN B 9 3.87 -40.37 -4.13
N ILE B 10 4.84 -40.07 -3.27
CA ILE B 10 6.09 -39.43 -3.72
C ILE B 10 7.22 -40.43 -3.47
N THR B 11 7.99 -40.68 -4.50
CA THR B 11 9.21 -41.48 -4.45
C THR B 11 10.40 -40.52 -4.28
N LEU B 12 11.05 -40.54 -3.13
CA LEU B 12 12.34 -39.81 -2.93
C LEU B 12 13.43 -40.52 -3.75
N LEU B 13 14.02 -39.81 -4.72
CA LEU B 13 15.07 -40.31 -5.64
C LEU B 13 16.48 -40.02 -5.13
N GLU B 14 16.73 -38.82 -4.63
CA GLU B 14 18.12 -38.29 -4.55
C GLU B 14 18.14 -37.12 -3.55
N CYS B 15 19.02 -37.15 -2.55
CA CYS B 15 19.28 -36.02 -1.64
C CYS B 15 20.12 -34.99 -2.38
N VAL B 16 19.59 -33.80 -2.58
CA VAL B 16 20.31 -32.75 -3.36
C VAL B 16 20.74 -31.64 -2.40
N GLY B 17 20.57 -31.82 -1.09
CA GLY B 17 21.00 -30.78 -0.15
C GLY B 17 20.77 -31.21 1.28
N LYS B 18 21.75 -30.97 2.15
CA LYS B 18 21.60 -31.25 3.58
C LYS B 18 22.18 -30.03 4.28
N GLY B 19 21.47 -29.46 5.24
CA GLY B 19 21.99 -28.25 5.90
C GLY B 19 21.29 -27.98 7.22
N ARG B 20 21.63 -26.86 7.85
CA ARG B 20 20.89 -26.32 9.02
C ARG B 20 19.37 -26.41 8.77
N TYR B 21 18.91 -26.06 7.56
CA TYR B 21 17.49 -26.00 7.13
C TYR B 21 16.84 -27.40 7.11
N GLY B 22 17.62 -28.46 7.23
CA GLY B 22 17.13 -29.86 7.05
C GLY B 22 17.69 -30.48 5.78
N GLU B 23 16.85 -31.05 4.95
CA GLU B 23 17.26 -31.77 3.71
C GLU B 23 16.34 -31.42 2.57
N VAL B 24 16.90 -31.33 1.36
CA VAL B 24 16.09 -31.25 0.12
C VAL B 24 16.36 -32.52 -0.70
N TRP B 25 15.28 -33.11 -1.21
CA TRP B 25 15.29 -34.32 -2.04
C TRP B 25 14.67 -34.02 -3.40
N ARG B 26 15.25 -34.56 -4.47
CA ARG B 26 14.52 -34.66 -5.74
C ARG B 26 13.59 -35.87 -5.60
N GLY B 27 12.32 -35.66 -5.80
CA GLY B 27 11.30 -36.71 -5.72
C GLY B 27 10.58 -36.84 -7.03
N SER B 28 9.79 -37.91 -7.18
CA SER B 28 8.80 -38.03 -8.27
C SER B 28 7.38 -38.20 -7.71
N TRP B 29 6.45 -37.45 -8.28
CA TRP B 29 5.02 -37.40 -7.89
C TRP B 29 4.25 -37.56 -9.18
N GLN B 30 3.40 -38.60 -9.22
CA GLN B 30 2.77 -39.08 -10.49
C GLN B 30 3.82 -38.97 -11.60
N GLY B 31 5.00 -39.56 -11.34
CA GLY B 31 6.15 -39.57 -12.28
C GLY B 31 6.38 -38.20 -12.89
N GLU B 32 6.74 -37.24 -12.03
CA GLU B 32 7.12 -35.83 -12.34
C GLU B 32 8.05 -35.34 -11.21
N ASN B 33 9.10 -34.59 -11.56
CA ASN B 33 10.15 -34.11 -10.62
C ASN B 33 9.50 -33.12 -9.65
N VAL B 34 9.71 -33.30 -8.36
CA VAL B 34 9.35 -32.28 -7.33
C VAL B 34 10.54 -32.16 -6.39
N ALA B 35 10.60 -31.03 -5.71
CA ALA B 35 11.54 -30.79 -4.59
C ALA B 35 10.78 -31.08 -3.30
N VAL B 36 11.35 -31.94 -2.46
CA VAL B 36 10.85 -32.22 -1.08
C VAL B 36 11.86 -31.64 -0.07
N LYS B 37 11.43 -30.65 0.69
CA LYS B 37 12.20 -30.19 1.85
C LYS B 37 11.64 -30.91 3.08
N ILE B 38 12.53 -31.58 3.78
CA ILE B 38 12.22 -32.27 5.06
C ILE B 38 12.82 -31.38 6.12
N PHE B 39 11.97 -30.80 6.92
CA PHE B 39 12.41 -29.83 7.94
C PHE B 39 13.15 -30.60 9.03
N SER B 40 14.12 -29.91 9.61
CA SER B 40 14.79 -30.35 10.84
C SER B 40 13.74 -30.34 11.98
N SER B 41 13.86 -31.26 12.94
CA SER B 41 12.90 -31.44 14.07
C SER B 41 12.89 -30.21 15.00
N ARG B 42 13.95 -29.40 15.01
CA ARG B 42 14.02 -28.07 15.68
C ARG B 42 13.31 -26.95 14.87
N ASP B 43 12.80 -27.21 13.65
CA ASP B 43 12.29 -26.11 12.79
C ASP B 43 10.83 -26.31 12.35
N GLU B 44 10.05 -26.98 13.18
CA GLU B 44 8.59 -27.15 13.03
C GLU B 44 7.93 -25.79 12.75
N LYS B 45 8.34 -24.73 13.41
CA LYS B 45 7.64 -23.43 13.27
C LYS B 45 7.85 -22.81 11.88
N SER B 46 8.97 -23.09 11.20
CA SER B 46 9.23 -22.65 9.82
C SER B 46 8.31 -23.42 8.89
N TRP B 47 8.18 -24.72 9.08
CA TRP B 47 7.26 -25.52 8.26
C TRP B 47 5.82 -25.05 8.45
N PHE B 48 5.44 -24.78 9.68
CA PHE B 48 4.09 -24.27 10.01
C PHE B 48 3.87 -22.94 9.32
N ARG B 49 4.83 -22.00 9.42
CA ARG B 49 4.63 -20.66 8.80
C ARG B 49 4.54 -20.77 7.28
N GLU B 50 5.44 -21.53 6.66
CA GLU B 50 5.42 -21.61 5.19
C GLU B 50 4.14 -22.24 4.73
N THR B 51 3.73 -23.31 5.39
CA THR B 51 2.47 -24.00 5.01
C THR B 51 1.31 -23.02 5.14
N GLU B 52 1.28 -22.29 6.25
CA GLU B 52 0.26 -21.26 6.51
C GLU B 52 0.25 -20.22 5.38
N LEU B 53 1.40 -19.65 5.00
CA LEU B 53 1.43 -18.62 3.92
C LEU B 53 0.92 -19.22 2.62
N TYR B 54 1.53 -20.32 2.19
CA TYR B 54 1.19 -20.88 0.86
C TYR B 54 -0.29 -21.34 0.83
N ASN B 55 -0.86 -21.75 1.96
CA ASN B 55 -2.27 -22.24 1.99
C ASN B 55 -3.25 -21.08 2.14
N THR B 56 -2.88 -20.01 2.82
CA THR B 56 -3.87 -18.96 3.12
C THR B 56 -3.75 -17.80 2.13
N VAL B 57 -2.68 -17.72 1.34
CA VAL B 57 -2.41 -16.52 0.46
C VAL B 57 -2.34 -17.03 -0.98
N MET B 58 -2.80 -16.24 -1.94
CA MET B 58 -2.57 -16.53 -3.40
C MET B 58 -1.14 -16.11 -3.69
N LEU B 59 -0.22 -17.05 -3.50
CA LEU B 59 1.24 -16.78 -3.62
C LEU B 59 1.75 -17.56 -4.84
N ARG B 60 1.49 -17.02 -6.02
CA ARG B 60 1.81 -17.65 -7.32
C ARG B 60 2.48 -16.56 -8.12
N HIS B 61 3.75 -16.73 -8.45
CA HIS B 61 4.52 -15.76 -9.24
C HIS B 61 5.74 -16.48 -9.83
N GLU B 62 6.16 -16.03 -10.99
CA GLU B 62 7.24 -16.65 -11.78
C GLU B 62 8.49 -16.66 -10.89
N ASN B 63 8.62 -15.65 -10.01
CA ASN B 63 9.89 -15.44 -9.24
C ASN B 63 9.70 -15.78 -7.76
N ILE B 64 8.69 -16.56 -7.44
CA ILE B 64 8.48 -17.15 -6.10
C ILE B 64 8.38 -18.67 -6.28
N LEU B 65 9.12 -19.43 -5.47
CA LEU B 65 9.14 -20.92 -5.62
C LEU B 65 7.70 -21.44 -5.59
N GLY B 66 7.32 -22.27 -6.56
CA GLY B 66 5.94 -22.77 -6.70
C GLY B 66 5.58 -23.86 -5.70
N PHE B 67 4.61 -23.60 -4.82
CA PHE B 67 4.11 -24.56 -3.83
C PHE B 67 3.26 -25.64 -4.49
N ILE B 68 3.43 -26.86 -4.03
CA ILE B 68 2.55 -27.99 -4.45
C ILE B 68 1.79 -28.48 -3.24
N ALA B 69 2.47 -28.81 -2.17
CA ALA B 69 1.76 -29.47 -1.06
C ALA B 69 2.63 -29.43 0.18
N SER B 70 2.01 -29.53 1.34
CA SER B 70 2.71 -29.73 2.62
C SER B 70 2.17 -31.00 3.24
N ASP B 71 2.96 -31.80 3.90
CA ASP B 71 2.46 -33.05 4.51
C ASP B 71 3.29 -33.37 5.74
N MET B 72 2.70 -34.19 6.61
CA MET B 72 3.39 -34.87 7.71
C MET B 72 3.43 -36.36 7.35
N THR B 73 4.52 -37.04 7.67
CA THR B 73 4.68 -38.49 7.40
C THR B 73 5.56 -39.08 8.48
N SER B 74 5.58 -40.43 8.63
CA SER B 74 6.50 -41.19 9.53
C SER B 74 7.65 -41.72 8.66
N ARG B 75 8.88 -41.69 9.16
CA ARG B 75 10.04 -42.30 8.44
C ARG B 75 11.01 -42.68 9.54
N SER B 78 9.56 -41.82 13.22
CA SER B 78 9.59 -40.40 13.68
C SER B 78 8.75 -39.51 12.74
N THR B 79 8.08 -38.49 13.23
CA THR B 79 7.31 -37.59 12.32
C THR B 79 8.29 -36.69 11.55
N GLN B 80 8.14 -36.64 10.24
CA GLN B 80 8.80 -35.68 9.34
C GLN B 80 7.77 -34.70 8.76
N LEU B 81 8.14 -33.43 8.68
CA LEU B 81 7.33 -32.34 8.03
C LEU B 81 7.94 -32.08 6.67
N TRP B 82 7.16 -32.31 5.61
CA TRP B 82 7.60 -32.13 4.22
C TRP B 82 6.98 -30.87 3.67
N LEU B 83 7.74 -30.11 2.92
CA LEU B 83 7.16 -29.12 2.01
C LEU B 83 7.59 -29.49 0.58
N ILE B 84 6.64 -29.54 -0.33
CA ILE B 84 6.78 -30.08 -1.71
C ILE B 84 6.52 -28.96 -2.73
N THR B 85 7.48 -28.72 -3.59
CA THR B 85 7.50 -27.56 -4.54
C THR B 85 7.91 -28.02 -5.92
N HIS B 86 7.79 -27.12 -6.90
CA HIS B 86 8.46 -27.23 -8.23
C HIS B 86 9.94 -27.55 -7.98
N TYR B 87 10.50 -28.37 -8.86
CA TYR B 87 11.91 -28.78 -8.79
C TYR B 87 12.67 -27.95 -9.82
N HIS B 88 13.70 -27.24 -9.42
CA HIS B 88 14.55 -26.46 -10.35
C HIS B 88 15.90 -27.15 -10.44
N GLU B 89 16.23 -27.67 -11.61
CA GLU B 89 17.39 -28.60 -11.77
C GLU B 89 18.73 -27.88 -11.46
N MET B 90 18.82 -26.57 -11.61
CA MET B 90 20.08 -25.82 -11.34
C MET B 90 20.33 -25.60 -9.84
N GLY B 91 19.33 -25.74 -8.97
CA GLY B 91 19.56 -25.55 -7.53
C GLY B 91 19.69 -24.08 -7.16
N SER B 92 20.39 -23.77 -6.07
CA SER B 92 20.44 -22.41 -5.49
C SER B 92 21.39 -21.51 -6.32
N LEU B 93 21.10 -20.21 -6.26
CA LEU B 93 21.97 -19.13 -6.80
C LEU B 93 23.36 -19.25 -6.19
N TYR B 94 23.44 -19.51 -4.89
CA TYR B 94 24.75 -19.71 -4.21
C TYR B 94 25.54 -20.77 -4.99
N ASP B 95 24.89 -21.91 -5.24
CA ASP B 95 25.51 -23.08 -5.92
CA ASP B 95 25.54 -23.10 -5.87
C ASP B 95 25.94 -22.69 -7.30
N TYR B 96 25.05 -22.06 -8.02
CA TYR B 96 25.21 -21.61 -9.42
C TYR B 96 26.39 -20.65 -9.55
N LEU B 97 26.50 -19.64 -8.67
CA LEU B 97 27.55 -18.63 -8.82
C LEU B 97 28.96 -19.21 -8.56
N GLN B 98 29.08 -20.36 -7.92
CA GLN B 98 30.40 -21.00 -7.69
C GLN B 98 30.90 -21.63 -9.00
N LEU B 99 29.96 -22.05 -9.83
CA LEU B 99 30.12 -22.98 -10.97
C LEU B 99 30.16 -22.15 -12.25
N THR B 100 29.69 -20.90 -12.29
CA THR B 100 29.68 -20.17 -13.58
C THR B 100 29.83 -18.65 -13.42
N THR B 101 30.25 -18.01 -14.52
CA THR B 101 30.41 -16.56 -14.59
C THR B 101 29.26 -16.07 -15.41
N LEU B 102 29.07 -14.77 -15.42
CA LEU B 102 27.88 -14.14 -16.02
C LEU B 102 28.34 -13.13 -17.04
N ASP B 103 27.49 -12.87 -18.03
CA ASP B 103 27.65 -11.71 -18.93
C ASP B 103 26.67 -10.64 -18.46
N THR B 104 26.64 -9.49 -19.13
CA THR B 104 25.71 -8.37 -18.82
C THR B 104 24.28 -8.87 -18.82
N VAL B 105 23.89 -9.67 -19.81
CA VAL B 105 22.46 -10.07 -20.00
C VAL B 105 22.08 -10.96 -18.82
N SER B 106 22.92 -11.97 -18.56
CA SER B 106 22.65 -13.03 -17.56
C SER B 106 22.61 -12.44 -16.15
N CYS B 107 23.49 -11.49 -15.82
CA CYS B 107 23.57 -10.80 -14.50
C CYS B 107 22.31 -9.95 -14.25
N LEU B 108 21.95 -9.07 -15.21
CA LEU B 108 20.71 -8.28 -15.15
C LEU B 108 19.50 -9.20 -15.07
N ARG B 109 19.43 -10.28 -15.84
CA ARG B 109 18.25 -11.17 -15.77
C ARG B 109 18.09 -11.75 -14.36
N ILE B 110 19.17 -12.20 -13.72
CA ILE B 110 19.09 -12.73 -12.32
C ILE B 110 18.60 -11.62 -11.39
N VAL B 111 19.27 -10.45 -11.38
CA VAL B 111 19.03 -9.44 -10.32
C VAL B 111 17.63 -8.82 -10.52
N LEU B 112 17.22 -8.58 -11.76
CA LEU B 112 15.87 -8.00 -12.06
C LEU B 112 14.80 -9.01 -11.63
N SER B 113 14.98 -10.30 -11.90
CA SER B 113 14.01 -11.37 -11.49
C SER B 113 13.90 -11.46 -9.94
N ILE B 114 15.01 -11.37 -9.20
CA ILE B 114 14.93 -11.35 -7.70
C ILE B 114 14.16 -10.12 -7.22
N ALA B 115 14.45 -8.93 -7.78
CA ALA B 115 13.79 -7.64 -7.49
C ALA B 115 12.29 -7.79 -7.75
N SER B 116 11.95 -8.52 -8.81
CA SER B 116 10.55 -8.70 -9.24
C SER B 116 9.80 -9.55 -8.22
N GLY B 117 10.37 -10.70 -7.88
CA GLY B 117 9.76 -11.56 -6.84
C GLY B 117 9.67 -10.82 -5.54
N LEU B 118 10.70 -10.06 -5.16
CA LEU B 118 10.69 -9.30 -3.88
C LEU B 118 9.64 -8.17 -3.92
N ALA B 119 9.57 -7.38 -5.01
CA ALA B 119 8.50 -6.35 -5.19
C ALA B 119 7.13 -7.03 -5.16
N HIS B 120 6.94 -8.18 -5.76
CA HIS B 120 5.63 -8.90 -5.70
C HIS B 120 5.32 -9.30 -4.25
N LEU B 121 6.32 -9.71 -3.46
CA LEU B 121 6.05 -10.09 -2.06
C LEU B 121 5.62 -8.83 -1.30
N HIS B 122 6.36 -7.71 -1.47
CA HIS B 122 6.27 -6.48 -0.66
C HIS B 122 4.91 -5.75 -0.85
N ILE B 123 4.34 -5.88 -2.04
CA ILE B 123 3.18 -5.08 -2.49
C ILE B 123 1.92 -5.84 -2.09
N GLU B 124 1.00 -5.15 -1.43
CA GLU B 124 -0.39 -5.65 -1.21
C GLU B 124 -1.19 -5.56 -2.50
N ILE B 125 -1.88 -6.62 -2.89
CA ILE B 125 -2.83 -6.63 -4.04
C ILE B 125 -4.24 -6.73 -3.43
N PHE B 126 -5.24 -6.02 -3.97
CA PHE B 126 -6.60 -5.98 -3.34
C PHE B 126 -7.63 -6.84 -4.08
N GLY B 127 -7.42 -7.21 -5.34
CA GLY B 127 -8.42 -7.98 -6.11
C GLY B 127 -7.94 -9.40 -6.42
N GLY B 130 -5.89 -11.29 -4.80
CA GLY B 130 -5.16 -10.41 -3.87
C GLY B 130 -4.22 -11.19 -2.92
N LYS B 131 -3.40 -10.45 -2.18
CA LYS B 131 -2.47 -11.01 -1.16
C LYS B 131 -2.13 -9.87 -0.23
N PRO B 132 -1.83 -10.19 1.02
CA PRO B 132 -1.33 -9.18 1.93
C PRO B 132 0.06 -8.79 1.46
N ALA B 133 0.59 -7.70 2.00
CA ALA B 133 2.03 -7.36 1.83
C ALA B 133 2.81 -8.38 2.67
N ILE B 134 3.97 -8.79 2.19
CA ILE B 134 4.81 -9.90 2.79
C ILE B 134 6.28 -9.46 2.77
N ALA B 135 6.93 -9.51 3.91
CA ALA B 135 8.41 -9.40 3.99
C ALA B 135 8.98 -10.77 4.34
N HIS B 136 10.10 -11.10 3.70
CA HIS B 136 10.71 -12.43 3.76
C HIS B 136 11.47 -12.65 5.08
N ARG B 137 12.44 -11.79 5.32
CA ARG B 137 13.22 -11.68 6.57
C ARG B 137 14.43 -12.62 6.58
N ASP B 138 14.64 -13.46 5.57
CA ASP B 138 15.90 -14.27 5.52
C ASP B 138 16.34 -14.47 4.07
N LEU B 139 16.33 -13.42 3.26
CA LEU B 139 16.76 -13.53 1.87
C LEU B 139 18.29 -13.71 1.80
N LYS B 140 18.76 -14.63 0.96
CA LYS B 140 20.19 -14.90 0.78
C LYS B 140 20.32 -15.72 -0.49
N SER B 141 21.54 -15.91 -0.99
CA SER B 141 21.76 -16.64 -2.27
C SER B 141 21.40 -18.10 -2.06
N LYS B 142 21.50 -18.63 -0.84
CA LYS B 142 21.17 -20.07 -0.68
C LYS B 142 19.65 -20.34 -0.69
N ASN B 143 18.76 -19.36 -0.63
CA ASN B 143 17.31 -19.72 -0.67
C ASN B 143 16.69 -18.95 -1.87
N ILE B 144 17.49 -18.63 -2.87
CA ILE B 144 17.03 -18.24 -4.22
C ILE B 144 17.42 -19.39 -5.17
N LEU B 145 16.50 -19.90 -5.95
CA LEU B 145 16.78 -20.94 -6.99
C LEU B 145 16.95 -20.29 -8.36
N VAL B 146 17.73 -20.93 -9.20
CA VAL B 146 17.91 -20.54 -10.62
C VAL B 146 17.08 -21.50 -11.48
N LYS B 147 16.27 -20.94 -12.36
CA LYS B 147 15.34 -21.63 -13.28
C LYS B 147 16.04 -21.80 -14.62
N LYS B 148 15.62 -22.78 -15.43
CA LYS B 148 16.19 -23.04 -16.78
C LYS B 148 16.33 -21.72 -17.55
N ASN B 149 15.37 -20.80 -17.49
CA ASN B 149 15.41 -19.58 -18.35
C ASN B 149 16.37 -18.50 -17.82
N GLY B 150 17.09 -18.75 -16.70
CA GLY B 150 18.09 -17.79 -16.21
C GLY B 150 17.46 -16.72 -15.34
N GLN B 151 16.16 -16.84 -15.09
CA GLN B 151 15.44 -16.11 -14.01
C GLN B 151 15.53 -16.97 -12.73
N CYS B 152 15.37 -16.30 -11.61
CA CYS B 152 15.48 -16.93 -10.27
C CYS B 152 14.11 -16.91 -9.62
N CYS B 153 13.93 -17.74 -8.61
CA CYS B 153 12.74 -17.61 -7.75
C CYS B 153 13.17 -17.69 -6.27
N ILE B 154 12.42 -16.95 -5.47
CA ILE B 154 12.64 -16.83 -4.02
C ILE B 154 11.94 -17.99 -3.31
N ALA B 155 12.62 -18.60 -2.31
CA ALA B 155 12.09 -19.74 -1.51
C ALA B 155 12.19 -19.40 -0.03
N ASP B 156 11.71 -20.30 0.83
CA ASP B 156 11.98 -20.27 2.28
C ASP B 156 11.22 -19.09 2.89
N LEU B 157 9.91 -19.20 2.97
CA LEU B 157 9.04 -18.15 3.58
C LEU B 157 8.74 -18.46 5.04
N GLY B 158 9.55 -19.26 5.69
CA GLY B 158 9.31 -19.65 7.08
C GLY B 158 9.39 -18.53 8.09
N LEU B 159 10.07 -17.41 7.79
CA LEU B 159 10.15 -16.29 8.73
C LEU B 159 9.28 -15.13 8.26
N ALA B 160 8.43 -15.31 7.25
CA ALA B 160 7.71 -14.22 6.58
C ALA B 160 6.80 -13.54 7.61
N VAL B 161 6.66 -12.23 7.44
CA VAL B 161 5.72 -11.34 8.16
C VAL B 161 4.71 -10.84 7.13
N MET B 162 3.46 -10.62 7.54
CA MET B 162 2.42 -10.13 6.60
C MET B 162 1.75 -8.87 7.16
N HIS B 163 1.23 -8.04 6.27
CA HIS B 163 0.47 -6.84 6.68
C HIS B 163 -0.73 -6.68 5.74
N SER B 164 -1.90 -6.27 6.25
CA SER B 164 -3.13 -6.00 5.43
C SER B 164 -3.57 -4.58 5.74
N GLN B 165 -3.70 -3.76 4.70
CA GLN B 165 -4.21 -2.38 4.82
C GLN B 165 -5.67 -2.40 5.29
N SER B 166 -6.47 -3.40 4.90
CA SER B 166 -7.92 -3.47 5.24
C SER B 166 -8.10 -3.40 6.76
N THR B 167 -7.34 -4.21 7.51
CA THR B 167 -7.39 -4.31 9.00
C THR B 167 -6.29 -3.49 9.65
N ASN B 168 -5.32 -3.00 8.87
CA ASN B 168 -4.04 -2.46 9.36
C ASN B 168 -3.44 -3.45 10.38
N GLN B 169 -3.58 -4.76 10.16
CA GLN B 169 -3.00 -5.76 11.09
C GLN B 169 -1.65 -6.23 10.56
N LEU B 170 -0.72 -6.37 11.49
CA LEU B 170 0.65 -6.91 11.27
C LEU B 170 0.63 -8.33 11.81
N ASP B 171 1.02 -9.29 11.00
CA ASP B 171 1.10 -10.69 11.46
C ASP B 171 2.57 -11.08 11.46
N VAL B 172 3.20 -11.05 12.63
CA VAL B 172 4.64 -11.44 12.82
C VAL B 172 4.74 -12.92 13.14
N GLY B 173 3.66 -13.63 13.36
CA GLY B 173 3.75 -15.08 13.57
C GLY B 173 4.44 -15.38 14.89
N ASN B 174 4.96 -16.61 15.04
CA ASN B 174 5.49 -17.17 16.32
C ASN B 174 6.60 -18.18 16.02
N ASN B 175 7.74 -17.71 15.55
CA ASN B 175 8.90 -18.56 15.16
C ASN B 175 10.10 -17.98 15.87
N PRO B 176 10.79 -18.76 16.73
CA PRO B 176 11.99 -18.28 17.38
C PRO B 176 13.22 -18.21 16.45
N ARG B 177 13.21 -18.89 15.29
CA ARG B 177 14.25 -18.73 14.23
C ARG B 177 14.56 -17.25 14.02
N VAL B 178 15.84 -16.91 13.86
CA VAL B 178 16.27 -15.56 13.40
C VAL B 178 16.97 -15.68 12.04
N GLY B 179 17.12 -14.56 11.36
CA GLY B 179 17.74 -14.49 10.04
C GLY B 179 19.15 -15.07 10.09
N THR B 180 19.63 -15.40 8.92
CA THR B 180 21.04 -15.79 8.70
C THR B 180 21.97 -14.67 9.19
N LYS B 181 22.91 -14.95 10.09
CA LYS B 181 23.70 -13.89 10.78
C LYS B 181 24.47 -13.04 9.77
N ARG B 182 25.07 -13.68 8.77
CA ARG B 182 25.94 -12.99 7.79
C ARG B 182 25.16 -11.89 7.10
N TYR B 183 23.85 -12.10 6.89
CA TYR B 183 22.97 -11.20 6.12
C TYR B 183 22.12 -10.27 6.99
N MET B 184 22.30 -10.25 8.31
CA MET B 184 21.44 -9.44 9.22
C MET B 184 21.75 -7.96 9.08
N ALA B 185 20.70 -7.14 8.94
CA ALA B 185 20.79 -5.69 8.85
C ALA B 185 21.29 -5.11 10.17
N PRO B 186 21.87 -3.90 10.13
CA PRO B 186 22.39 -3.25 11.32
C PRO B 186 21.36 -3.21 12.44
N GLU B 187 20.13 -2.88 12.08
CA GLU B 187 19.05 -2.68 13.10
C GLU B 187 18.63 -4.04 13.68
N VAL B 188 18.89 -5.14 12.99
CA VAL B 188 18.66 -6.49 13.57
C VAL B 188 19.82 -6.80 14.50
N LEU B 189 21.07 -6.54 14.05
CA LEU B 189 22.28 -6.87 14.87
C LEU B 189 22.33 -6.02 16.13
N ASP B 190 21.91 -4.75 16.07
CA ASP B 190 21.98 -3.82 17.22
C ASP B 190 20.69 -3.92 18.06
N GLU B 191 19.70 -4.64 17.54
CA GLU B 191 18.46 -5.02 18.26
C GLU B 191 17.54 -3.82 18.43
N THR B 192 17.67 -2.78 17.62
CA THR B 192 16.86 -1.55 17.77
C THR B 192 15.69 -1.59 16.78
N ILE B 193 15.66 -2.54 15.86
CA ILE B 193 14.58 -2.62 14.84
C ILE B 193 13.21 -2.40 15.51
N GLN B 194 12.39 -1.59 14.85
CA GLN B 194 10.97 -1.31 15.24
C GLN B 194 10.06 -2.48 14.78
N VAL B 195 9.88 -3.42 15.67
CA VAL B 195 9.21 -4.72 15.45
C VAL B 195 7.71 -4.50 15.13
N ASP B 196 7.14 -3.34 15.48
CA ASP B 196 5.66 -3.13 15.45
C ASP B 196 5.30 -2.46 14.12
N CYS B 197 6.31 -2.18 13.30
CA CYS B 197 6.18 -1.49 11.99
C CYS B 197 6.51 -2.44 10.83
N PHE B 198 5.55 -2.64 9.92
CA PHE B 198 5.71 -3.57 8.77
C PHE B 198 6.91 -3.13 7.92
N ASP B 199 7.05 -1.82 7.68
CA ASP B 199 8.13 -1.22 6.84
C ASP B 199 9.52 -1.67 7.34
N SER B 200 9.66 -1.87 8.65
CA SER B 200 10.92 -2.35 9.28
C SER B 200 11.38 -3.64 8.60
N TYR B 201 10.43 -4.56 8.34
CA TYR B 201 10.79 -5.89 7.78
C TYR B 201 11.13 -5.77 6.31
N LYS B 202 10.39 -4.93 5.59
CA LYS B 202 10.74 -4.71 4.15
C LYS B 202 12.17 -4.14 4.07
N ARG B 203 12.57 -3.23 4.95
CA ARG B 203 13.91 -2.57 4.90
C ARG B 203 15.01 -3.61 5.16
N VAL B 204 14.77 -4.54 6.07
CA VAL B 204 15.62 -5.71 6.36
C VAL B 204 15.85 -6.49 5.05
N ASP B 205 14.79 -6.72 4.29
CA ASP B 205 14.83 -7.44 3.00
C ASP B 205 15.73 -6.70 2.01
N ILE B 206 15.65 -5.36 1.98
CA ILE B 206 16.40 -4.55 1.00
C ILE B 206 17.92 -4.63 1.31
N TRP B 207 18.31 -4.59 2.58
CA TRP B 207 19.68 -4.79 3.08
C TRP B 207 20.20 -6.12 2.51
N ALA B 208 19.46 -7.21 2.74
CA ALA B 208 19.89 -8.57 2.34
C ALA B 208 19.98 -8.61 0.82
N PHE B 209 18.97 -8.12 0.13
CA PHE B 209 18.98 -8.00 -1.35
C PHE B 209 20.28 -7.30 -1.82
N GLY B 210 20.63 -6.19 -1.19
CA GLY B 210 21.87 -5.43 -1.52
C GLY B 210 23.08 -6.37 -1.45
N LEU B 211 23.13 -7.17 -0.40
CA LEU B 211 24.24 -8.16 -0.28
C LEU B 211 24.17 -9.15 -1.44
N VAL B 212 22.99 -9.67 -1.81
CA VAL B 212 22.86 -10.68 -2.91
C VAL B 212 23.32 -10.02 -4.22
N LEU B 213 22.91 -8.77 -4.45
CA LEU B 213 23.33 -7.98 -5.65
C LEU B 213 24.87 -8.03 -5.75
N TRP B 214 25.56 -7.81 -4.63
CA TRP B 214 27.04 -7.76 -4.57
C TRP B 214 27.62 -9.13 -4.93
N GLU B 215 27.06 -10.22 -4.40
CA GLU B 215 27.50 -11.61 -4.70
C GLU B 215 27.38 -11.88 -6.22
N VAL B 216 26.27 -11.45 -6.82
CA VAL B 216 25.98 -11.74 -8.26
C VAL B 216 26.91 -10.88 -9.11
N ALA B 217 27.02 -9.58 -8.83
CA ALA B 217 27.81 -8.63 -9.66
C ALA B 217 29.26 -9.13 -9.76
N ARG B 218 29.79 -9.66 -8.67
CA ARG B 218 31.21 -10.13 -8.65
C ARG B 218 31.48 -11.14 -9.77
N ARG B 219 30.44 -11.86 -10.16
CA ARG B 219 30.55 -12.99 -11.13
C ARG B 219 30.31 -12.48 -12.55
N MET B 220 29.99 -11.19 -12.74
CA MET B 220 29.78 -10.64 -14.11
C MET B 220 31.16 -10.28 -14.68
N VAL B 221 31.47 -10.79 -15.85
CA VAL B 221 32.76 -10.49 -16.57
C VAL B 221 32.78 -9.03 -17.06
N SER B 222 33.84 -8.24 -16.77
CA SER B 222 34.15 -6.98 -17.49
C SER B 222 35.68 -6.84 -17.66
N ASN B 223 36.14 -6.05 -18.62
CA ASN B 223 37.59 -5.91 -18.92
C ASN B 223 38.22 -7.31 -19.04
N GLY B 224 37.46 -8.35 -19.44
CA GLY B 224 37.87 -9.78 -19.55
C GLY B 224 38.13 -10.47 -18.22
N ILE B 225 37.70 -9.88 -17.09
CA ILE B 225 38.06 -10.46 -15.76
C ILE B 225 36.82 -10.51 -14.86
N VAL B 226 36.97 -11.16 -13.73
CA VAL B 226 35.79 -11.42 -12.86
C VAL B 226 36.34 -11.61 -11.44
N GLU B 227 35.51 -11.47 -10.40
CA GLU B 227 35.96 -11.94 -9.06
C GLU B 227 35.54 -13.41 -8.88
N ASP B 228 36.31 -14.17 -8.11
CA ASP B 228 35.86 -15.48 -7.61
C ASP B 228 34.58 -15.26 -6.77
N TYR B 229 33.73 -16.25 -6.65
CA TYR B 229 32.58 -16.20 -5.71
C TYR B 229 33.13 -15.97 -4.30
N LYS B 230 32.55 -15.02 -3.55
CA LYS B 230 32.75 -14.91 -2.09
C LYS B 230 31.42 -14.56 -1.46
N PRO B 231 31.17 -15.02 -0.21
CA PRO B 231 30.00 -14.58 0.54
C PRO B 231 30.25 -13.17 1.04
N PRO B 232 29.20 -12.41 1.36
CA PRO B 232 29.37 -11.10 1.96
C PRO B 232 30.17 -11.17 3.25
N PHE B 233 31.09 -10.24 3.39
CA PHE B 233 31.94 -10.05 4.60
C PHE B 233 32.97 -11.19 4.72
N TYR B 234 33.26 -11.88 3.62
CA TYR B 234 34.16 -13.05 3.67
C TYR B 234 35.53 -12.64 4.23
N ASP B 235 35.94 -11.38 4.08
CA ASP B 235 37.31 -10.93 4.43
C ASP B 235 37.43 -10.62 5.93
N VAL B 236 36.34 -10.50 6.67
CA VAL B 236 36.41 -9.93 8.06
C VAL B 236 35.64 -10.79 9.07
N VAL B 237 34.87 -11.80 8.65
CA VAL B 237 34.22 -12.71 9.61
C VAL B 237 34.58 -14.12 9.21
N PRO B 238 34.51 -15.09 10.14
CA PRO B 238 34.73 -16.48 9.75
C PRO B 238 33.48 -17.14 9.20
N ASN B 239 33.66 -18.33 8.67
CA ASN B 239 32.50 -19.19 8.34
C ASN B 239 31.67 -19.30 9.61
N ASP B 240 30.35 -19.37 9.48
CA ASP B 240 29.40 -19.49 10.62
C ASP B 240 29.62 -18.35 11.58
N PRO B 241 29.59 -17.08 11.09
CA PRO B 241 29.95 -15.96 11.96
C PRO B 241 28.98 -15.84 13.14
N SER B 242 29.47 -15.37 14.29
CA SER B 242 28.58 -15.16 15.46
C SER B 242 27.80 -13.86 15.28
N PHE B 243 26.74 -13.71 16.08
CA PHE B 243 25.98 -12.45 16.22
C PHE B 243 26.99 -11.33 16.52
N GLU B 244 27.89 -11.57 17.46
CA GLU B 244 28.85 -10.54 17.92
C GLU B 244 29.87 -10.21 16.81
N ASP B 245 30.40 -11.20 16.09
CA ASP B 245 31.32 -10.97 14.95
C ASP B 245 30.63 -9.96 14.01
N MET B 246 29.35 -10.21 13.66
CA MET B 246 28.63 -9.40 12.65
C MET B 246 28.36 -8.00 13.21
N ARG B 247 27.92 -7.91 14.47
CA ARG B 247 27.60 -6.63 15.10
C ARG B 247 28.85 -5.75 15.07
N LYS B 248 30.01 -6.30 15.44
CA LYS B 248 31.28 -5.52 15.43
C LYS B 248 31.57 -4.97 14.04
N VAL B 249 31.48 -5.80 13.02
CA VAL B 249 31.77 -5.46 11.60
C VAL B 249 30.77 -4.43 11.04
N VAL B 250 29.49 -4.73 11.16
CA VAL B 250 28.43 -3.98 10.45
C VAL B 250 28.06 -2.72 11.25
N CYS B 251 27.85 -2.83 12.57
CA CYS B 251 27.29 -1.75 13.42
C CYS B 251 28.39 -0.83 13.94
N VAL B 252 29.34 -1.41 14.67
CA VAL B 252 30.45 -0.69 15.31
C VAL B 252 31.41 -0.12 14.29
N ASP B 253 31.99 -0.94 13.40
CA ASP B 253 33.01 -0.56 12.39
C ASP B 253 32.34 0.01 11.15
N GLN B 254 31.01 -0.08 11.00
CA GLN B 254 30.29 0.48 9.84
C GLN B 254 30.80 -0.06 8.48
N GLN B 255 31.20 -1.32 8.38
CA GLN B 255 31.78 -1.87 7.14
C GLN B 255 30.70 -2.38 6.21
N ARG B 256 30.95 -2.23 4.92
CA ARG B 256 30.04 -2.71 3.87
C ARG B 256 30.91 -3.47 2.89
N PRO B 257 30.37 -4.43 2.11
CA PRO B 257 31.15 -5.13 1.08
C PRO B 257 31.94 -4.13 0.22
N ASN B 258 33.22 -4.40 -0.01
CA ASN B 258 34.08 -3.54 -0.89
C ASN B 258 33.55 -3.59 -2.32
N ILE B 259 33.46 -2.45 -2.99
CA ILE B 259 33.15 -2.42 -4.45
C ILE B 259 34.47 -2.58 -5.19
N PRO B 260 34.71 -3.62 -6.02
CA PRO B 260 35.93 -3.71 -6.80
C PRO B 260 36.12 -2.46 -7.70
N ASN B 261 37.33 -1.90 -7.73
CA ASN B 261 37.70 -0.75 -8.61
C ASN B 261 37.22 -0.99 -10.05
N ARG B 262 37.39 -2.20 -10.59
CA ARG B 262 37.00 -2.51 -12.00
C ARG B 262 35.55 -2.05 -12.27
N TRP B 263 34.63 -2.12 -11.29
CA TRP B 263 33.17 -1.91 -11.55
C TRP B 263 32.87 -0.49 -12.05
N PHE B 264 33.56 0.51 -11.49
CA PHE B 264 33.31 1.94 -11.70
C PHE B 264 33.60 2.36 -13.16
N SER B 265 34.16 1.46 -13.98
CA SER B 265 34.32 1.74 -15.45
C SER B 265 33.43 0.86 -16.33
N ASP B 266 32.60 -0.03 -15.78
CA ASP B 266 31.53 -0.75 -16.54
C ASP B 266 30.19 -0.08 -16.21
N PRO B 267 29.37 0.35 -17.22
CA PRO B 267 28.11 1.04 -16.95
C PRO B 267 27.13 0.19 -16.12
N THR B 268 27.01 -1.10 -16.46
CA THR B 268 26.10 -2.04 -15.74
C THR B 268 26.56 -2.14 -14.27
N LEU B 269 27.82 -2.51 -14.02
CA LEU B 269 28.34 -2.69 -12.64
C LEU B 269 28.35 -1.35 -11.88
N THR B 270 28.58 -0.20 -12.55
CA THR B 270 28.47 1.11 -11.89
C THR B 270 27.03 1.23 -11.38
N SER B 271 26.05 0.87 -12.22
CA SER B 271 24.62 1.06 -11.86
C SER B 271 24.30 0.13 -10.69
N LEU B 272 24.82 -1.09 -10.74
CA LEU B 272 24.56 -2.06 -9.65
C LEU B 272 25.25 -1.57 -8.38
N ALA B 273 26.45 -0.99 -8.49
CA ALA B 273 27.17 -0.50 -7.30
C ALA B 273 26.36 0.58 -6.62
N LYS B 274 25.80 1.48 -7.40
CA LYS B 274 25.00 2.61 -6.87
C LYS B 274 23.79 2.04 -6.10
N LEU B 275 23.10 1.04 -6.64
CA LEU B 275 21.96 0.35 -5.92
C LEU B 275 22.42 -0.21 -4.59
N MET B 276 23.53 -0.95 -4.57
CA MET B 276 23.98 -1.64 -3.35
C MET B 276 24.16 -0.61 -2.26
N LYS B 277 24.81 0.52 -2.58
CA LYS B 277 25.13 1.54 -1.57
C LYS B 277 23.81 2.03 -0.95
N GLU B 278 22.74 2.09 -1.75
CA GLU B 278 21.44 2.64 -1.28
C GLU B 278 20.59 1.52 -0.66
N CYS B 279 21.11 0.29 -0.57
CA CYS B 279 20.58 -0.82 0.26
C CYS B 279 21.32 -0.86 1.60
N TRP B 280 22.41 -0.12 1.75
CA TRP B 280 23.35 -0.35 2.86
C TRP B 280 23.47 0.81 3.84
N TYR B 281 22.59 1.80 3.78
CA TYR B 281 22.55 2.82 4.87
C TYR B 281 22.34 2.15 6.21
N GLN B 282 23.01 2.61 7.28
CA GLN B 282 22.68 2.05 8.62
C GLN B 282 21.20 2.36 8.93
N ASN B 283 20.81 3.60 8.63
CA ASN B 283 19.42 4.09 8.85
C ASN B 283 18.49 3.43 7.83
N PRO B 284 17.57 2.56 8.30
CA PRO B 284 16.73 1.80 7.39
C PRO B 284 15.77 2.62 6.51
N SER B 285 15.31 3.78 7.02
CA SER B 285 14.42 4.76 6.34
C SER B 285 15.06 5.24 5.06
N ALA B 286 16.39 5.27 5.05
CA ALA B 286 17.14 5.86 3.92
C ALA B 286 17.23 4.86 2.77
N ARG B 287 17.04 3.54 2.99
CA ARG B 287 17.25 2.55 1.92
C ARG B 287 16.19 2.72 0.83
N LEU B 288 16.53 2.33 -0.40
CA LEU B 288 15.56 2.21 -1.52
C LEU B 288 14.46 1.19 -1.20
N THR B 289 13.32 1.22 -1.92
CA THR B 289 12.26 0.17 -1.84
C THR B 289 12.52 -0.89 -2.92
N ALA B 290 11.92 -2.07 -2.81
CA ALA B 290 11.96 -3.15 -3.85
C ALA B 290 11.47 -2.59 -5.18
N LEU B 291 10.42 -1.77 -5.15
CA LEU B 291 9.79 -1.34 -6.40
C LEU B 291 10.75 -0.40 -7.15
N ARG B 292 11.42 0.51 -6.44
CA ARG B 292 12.42 1.48 -6.99
C ARG B 292 13.60 0.69 -7.57
N ILE B 293 14.03 -0.38 -6.90
CA ILE B 293 15.14 -1.25 -7.40
C ILE B 293 14.69 -1.92 -8.70
N LYS B 294 13.47 -2.46 -8.72
CA LYS B 294 12.95 -3.17 -9.92
C LYS B 294 12.89 -2.20 -11.10
N LYS B 295 12.42 -0.98 -10.87
CA LYS B 295 12.30 0.12 -11.89
C LYS B 295 13.71 0.44 -12.44
N THR B 296 14.66 0.75 -11.54
CA THR B 296 16.06 1.11 -11.89
C THR B 296 16.66 -0.03 -12.72
N LEU B 297 16.55 -1.29 -12.27
CA LEU B 297 17.09 -2.46 -13.02
C LEU B 297 16.35 -2.63 -14.37
N THR B 298 15.07 -2.30 -14.46
CA THR B 298 14.32 -2.44 -15.73
C THR B 298 14.98 -1.53 -16.79
N LYS B 299 15.25 -0.27 -16.44
CA LYS B 299 15.88 0.74 -17.35
C LYS B 299 17.27 0.28 -17.84
N ILE B 300 18.11 -0.36 -17.01
CA ILE B 300 19.54 -0.67 -17.38
C ILE B 300 19.63 -1.54 -18.64
N ASP B 301 20.67 -1.30 -19.46
CA ASP B 301 21.16 -2.18 -20.56
C ASP B 301 22.50 -2.84 -20.19
#